data_5AES
#
_entry.id   5AES
#
_cell.length_a   166.810
_cell.length_b   166.810
_cell.length_c   166.810
_cell.angle_alpha   90.00
_cell.angle_beta   90.00
_cell.angle_gamma   90.00
#
_symmetry.space_group_name_H-M   'I 2 3'
#
loop_
_entity.id
_entity.type
_entity.pdbx_description
1 polymer 'PYRIDOXAL PHOSPHATE PHOSPHATASE'
2 non-polymer 'MAGNESIUM ION'
3 non-polymer '{2-[5-hydroxy-4-(hydroxymethyl)-6-methylpyridin-3-yl]ethyl}phosphonic acid'
4 non-polymer GLYCEROL
5 water water
#
_entity_poly.entity_id   1
_entity_poly.type   'polypeptide(L)'
_entity_poly.pdbx_seq_one_letter_code
;GMARCERLRGAALRDVLGQAQGVLFDCDGVLWNGERIVPGAPELLQRLARAGKNTLFVSNNSRRARPELALRFARLGFAG
LRAEQLFSSALCAARLLRQRLPGPPDASGAVFVLGGEGLRAELRAAGLRLAGDPGEDPRVRAVLVGYDEQFSFSRLTEAC
AHLRDPDCLLVATDRDPWHPLSDGSRTPGTGSLAAAVETASGRQALVVGKPSPYMFQCITEDFSVDPARTLMVGDRLETD
ILFGHRCGMTTVLTLTGVSSLEEAQAYLTAGQRDLVPHYYVESIADLMEGLED
;
_entity_poly.pdbx_strand_id   A,B
#
loop_
_chem_comp.id
_chem_comp.type
_chem_comp.name
_chem_comp.formula
5B0 non-polymer '{2-[5-hydroxy-4-(hydroxymethyl)-6-methylpyridin-3-yl]ethyl}phosphonic acid' 'C9 H14 N O5 P'
GOL non-polymer GLYCEROL 'C3 H8 O3'
MG non-polymer 'MAGNESIUM ION' 'Mg 2'
#
# COMPACT_ATOMS: atom_id res chain seq x y z
N GLY A 1 9.49 -0.78 33.81
CA GLY A 1 9.55 -2.27 33.76
C GLY A 1 8.90 -2.80 32.50
N MET A 2 8.62 -4.11 32.48
CA MET A 2 7.91 -4.73 31.36
C MET A 2 6.41 -4.64 31.60
N ALA A 3 5.70 -4.05 30.64
CA ALA A 3 4.29 -3.76 30.82
C ALA A 3 3.50 -5.02 31.14
N ARG A 4 2.56 -4.89 32.08
CA ARG A 4 1.69 -6.01 32.44
C ARG A 4 0.22 -5.64 32.32
N CYS A 5 -0.06 -4.49 31.73
CA CYS A 5 -1.44 -4.07 31.49
C CYS A 5 -2.29 -4.12 32.75
N GLU A 6 -1.76 -3.58 33.84
CA GLU A 6 -2.50 -3.51 35.10
C GLU A 6 -3.48 -2.35 35.06
N ARG A 7 -4.67 -2.55 35.60
CA ARG A 7 -5.62 -1.47 35.72
C ARG A 7 -5.04 -0.40 36.66
N LEU A 8 -5.11 0.86 36.24
CA LEU A 8 -4.56 1.94 37.06
C LEU A 8 -5.62 2.50 37.99
N ARG A 9 -5.55 2.12 39.26
CA ARG A 9 -6.50 2.56 40.27
C ARG A 9 -5.81 2.75 41.60
N GLY A 10 -6.48 3.44 42.52
CA GLY A 10 -6.03 3.57 43.89
C GLY A 10 -4.60 4.03 44.06
N ALA A 11 -3.84 3.28 44.86
CA ALA A 11 -2.47 3.63 45.18
C ALA A 11 -1.61 3.73 43.92
N ALA A 12 -1.70 2.72 43.08
CA ALA A 12 -0.95 2.71 41.84
C ALA A 12 -1.17 4.04 41.12
N LEU A 13 -2.42 4.44 40.99
CA LEU A 13 -2.78 5.68 40.30
C LEU A 13 -2.17 6.89 41.00
N ARG A 14 -2.19 6.89 42.33
CA ARG A 14 -1.65 8.02 43.08
C ARG A 14 -0.14 8.09 42.95
N ASP A 15 0.54 6.95 43.02
CA ASP A 15 1.97 6.93 42.83
C ASP A 15 2.32 7.47 41.46
N VAL A 16 1.77 6.82 40.43
CA VAL A 16 2.14 7.12 39.05
C VAL A 16 1.96 8.60 38.72
N LEU A 17 0.82 9.15 39.09
CA LEU A 17 0.57 10.56 38.83
C LEU A 17 1.53 11.45 39.59
N GLY A 18 1.56 11.32 40.92
CA GLY A 18 2.42 12.15 41.74
C GLY A 18 3.85 12.15 41.24
N GLN A 19 4.31 11.00 40.76
CA GLN A 19 5.65 10.85 40.23
C GLN A 19 5.86 11.71 38.99
N ALA A 20 4.82 11.83 38.17
CA ALA A 20 4.97 12.42 36.83
C ALA A 20 5.05 13.94 36.83
N GLN A 21 5.91 14.46 35.95
CA GLN A 21 5.98 15.88 35.72
C GLN A 21 4.87 16.30 34.76
N GLY A 22 4.51 15.42 33.84
CA GLY A 22 3.45 15.73 32.90
C GLY A 22 2.88 14.55 32.15
N VAL A 23 1.87 14.82 31.32
CA VAL A 23 1.18 13.80 30.57
C VAL A 23 1.07 14.18 29.10
N LEU A 24 1.31 13.21 28.23
CA LEU A 24 1.06 13.37 26.81
C LEU A 24 -0.21 12.67 26.42
N PHE A 25 -1.22 13.43 26.02
CA PHE A 25 -2.49 12.84 25.60
C PHE A 25 -2.56 12.74 24.08
N ASP A 26 -2.94 11.57 23.57
CA ASP A 26 -3.43 11.50 22.21
C ASP A 26 -4.82 12.12 22.28
N CYS A 27 -5.34 12.61 21.15
CA CYS A 27 -6.60 13.33 21.16
C CYS A 27 -7.81 12.48 20.81
N ASP A 28 -7.91 12.07 19.55
CA ASP A 28 -9.05 11.29 19.10
C ASP A 28 -9.08 9.93 19.81
N GLY A 29 -10.22 9.63 20.41
CA GLY A 29 -10.42 8.39 21.14
C GLY A 29 -10.06 8.52 22.60
N VAL A 30 -9.52 9.67 22.98
CA VAL A 30 -9.06 9.91 24.35
C VAL A 30 -9.80 11.11 24.97
N LEU A 31 -9.71 12.25 24.31
CA LEU A 31 -10.37 13.46 24.79
C LEU A 31 -11.77 13.57 24.22
N TRP A 32 -11.97 13.01 23.03
CA TRP A 32 -13.26 13.09 22.36
C TRP A 32 -13.46 11.97 21.34
N ASN A 33 -14.71 11.79 20.93
CA ASN A 33 -15.09 10.93 19.82
C ASN A 33 -16.04 11.72 18.95
N GLY A 34 -15.57 12.16 17.79
CA GLY A 34 -16.35 13.04 16.95
C GLY A 34 -16.58 14.34 17.68
N GLU A 35 -17.83 14.77 17.76
CA GLU A 35 -18.19 15.99 18.48
C GLU A 35 -18.56 15.70 19.94
N ARG A 36 -18.62 14.42 20.29
CA ARG A 36 -18.98 14.03 21.65
C ARG A 36 -17.70 13.86 22.47
N ILE A 37 -17.43 14.82 23.35
CA ILE A 37 -16.26 14.72 24.20
C ILE A 37 -16.42 13.57 25.17
N VAL A 38 -15.29 13.03 25.60
CA VAL A 38 -15.27 12.00 26.62
C VAL A 38 -15.59 12.67 27.94
N PRO A 39 -16.71 12.28 28.57
CA PRO A 39 -17.12 12.90 29.83
C PRO A 39 -15.99 12.98 30.83
N GLY A 40 -15.71 14.18 31.32
CA GLY A 40 -14.71 14.36 32.37
C GLY A 40 -13.38 14.87 31.86
N ALA A 41 -13.11 14.68 30.58
CA ALA A 41 -11.82 15.06 30.01
C ALA A 41 -11.50 16.52 30.30
N PRO A 42 -12.44 17.42 30.03
CA PRO A 42 -12.17 18.83 30.33
C PRO A 42 -11.79 19.05 31.78
N GLU A 43 -12.52 18.43 32.71
CA GLU A 43 -12.25 18.59 34.12
C GLU A 43 -10.85 18.06 34.48
N LEU A 44 -10.48 16.92 33.91
CA LEU A 44 -9.20 16.30 34.20
C LEU A 44 -8.05 17.23 33.85
N LEU A 45 -8.10 17.81 32.66
CA LEU A 45 -7.01 18.66 32.20
C LEU A 45 -6.84 19.83 33.14
N GLN A 46 -7.94 20.40 33.61
CA GLN A 46 -7.86 21.50 34.56
C GLN A 46 -7.16 21.06 35.84
N ARG A 47 -7.64 19.99 36.44
CA ARG A 47 -7.08 19.54 37.72
C ARG A 47 -5.61 19.14 37.59
N LEU A 48 -5.18 18.77 36.39
CA LEU A 48 -3.78 18.46 36.15
C LEU A 48 -2.96 19.74 36.21
N ALA A 49 -3.56 20.83 35.76
CA ALA A 49 -2.89 22.13 35.75
C ALA A 49 -2.70 22.63 37.17
N ARG A 50 -3.72 22.44 38.02
CA ARG A 50 -3.63 22.85 39.41
C ARG A 50 -2.52 22.07 40.12
N ALA A 51 -2.41 20.77 39.81
CA ALA A 51 -1.40 19.94 40.45
C ALA A 51 0.00 20.32 39.97
N GLY A 52 0.07 21.14 38.93
CA GLY A 52 1.34 21.65 38.46
C GLY A 52 1.99 20.67 37.49
N LYS A 53 1.16 19.83 36.89
CA LYS A 53 1.66 18.86 35.93
C LYS A 53 1.39 19.33 34.51
N ASN A 54 2.47 19.41 33.74
CA ASN A 54 2.42 19.84 32.36
C ASN A 54 1.61 18.88 31.50
N THR A 55 0.97 19.41 30.46
CA THR A 55 0.23 18.58 29.52
C THR A 55 0.60 18.95 28.09
N LEU A 56 0.83 17.93 27.26
CA LEU A 56 1.05 18.12 25.84
C LEU A 56 0.10 17.20 25.08
N PHE A 57 -0.04 17.42 23.77
CA PHE A 57 -1.04 16.69 23.00
C PHE A 57 -0.51 16.27 21.65
N VAL A 58 -0.81 15.03 21.28
CA VAL A 58 -0.37 14.48 20.01
C VAL A 58 -1.54 13.94 19.22
N SER A 59 -1.46 14.06 17.89
CA SER A 59 -2.53 13.60 17.04
C SER A 59 -1.96 13.28 15.67
N ASN A 60 -2.40 12.17 15.09
CA ASN A 60 -2.01 11.83 13.73
C ASN A 60 -3.01 12.41 12.73
N ASN A 61 -3.96 13.18 13.25
CA ASN A 61 -4.90 13.89 12.40
C ASN A 61 -4.24 15.06 11.68
N SER A 62 -4.23 14.99 10.36
CA SER A 62 -3.60 15.99 9.53
C SER A 62 -4.62 16.85 8.79
N ARG A 63 -5.80 16.97 9.39
CA ARG A 63 -6.88 17.71 8.75
C ARG A 63 -6.94 19.16 9.21
N ARG A 64 -6.54 19.41 10.45
CA ARG A 64 -6.62 20.75 11.01
C ARG A 64 -5.25 21.32 11.30
N ALA A 65 -4.96 22.50 10.77
CA ALA A 65 -3.73 23.19 11.12
C ALA A 65 -3.84 23.59 12.57
N ARG A 66 -2.70 23.94 13.16
CA ARG A 66 -2.62 24.19 14.59
C ARG A 66 -3.66 25.21 15.11
N PRO A 67 -3.87 26.32 14.37
CA PRO A 67 -4.85 27.32 14.83
C PRO A 67 -6.25 26.76 15.00
N GLU A 68 -6.73 26.05 13.98
CA GLU A 68 -8.08 25.50 14.02
C GLU A 68 -8.18 24.38 15.05
N LEU A 69 -7.09 23.66 15.28
CA LEU A 69 -7.09 22.62 16.29
C LEU A 69 -7.17 23.26 17.67
N ALA A 70 -6.53 24.41 17.84
CA ALA A 70 -6.60 25.16 19.08
C ALA A 70 -8.01 25.67 19.33
N LEU A 71 -8.68 26.09 18.26
CA LEU A 71 -10.06 26.54 18.34
C LEU A 71 -10.95 25.37 18.70
N ARG A 72 -10.67 24.19 18.16
CA ARG A 72 -11.46 23.02 18.46
C ARG A 72 -11.44 22.73 19.96
N PHE A 73 -10.24 22.72 20.54
CA PHE A 73 -10.12 22.51 21.98
C PHE A 73 -11.01 23.49 22.70
N ALA A 74 -10.87 24.76 22.33
CA ALA A 74 -11.61 25.83 22.98
C ALA A 74 -13.11 25.57 22.91
N ARG A 75 -13.60 25.39 21.68
CA ARG A 75 -15.02 25.24 21.42
C ARG A 75 -15.65 24.07 22.18
N LEU A 76 -14.86 23.02 22.42
CA LEU A 76 -15.36 21.80 23.02
C LEU A 76 -15.36 21.77 24.54
N GLY A 77 -14.69 22.73 25.18
CA GLY A 77 -14.74 22.85 26.62
C GLY A 77 -13.41 22.80 27.35
N PHE A 78 -12.32 22.65 26.60
CA PHE A 78 -10.99 22.56 27.20
C PHE A 78 -10.38 23.94 27.35
N ALA A 79 -10.32 24.43 28.57
CA ALA A 79 -9.90 25.80 28.81
C ALA A 79 -8.39 25.90 29.04
N GLY A 80 -7.86 27.10 28.83
CA GLY A 80 -6.49 27.42 29.15
C GLY A 80 -5.43 26.64 28.41
N LEU A 81 -5.70 26.24 27.16
CA LEU A 81 -4.70 25.56 26.36
C LEU A 81 -4.08 26.49 25.34
N ARG A 82 -2.78 26.35 25.14
CA ARG A 82 -2.05 27.13 24.15
C ARG A 82 -1.74 26.26 22.94
N ALA A 83 -1.69 26.88 21.78
CA ALA A 83 -1.48 26.16 20.54
C ALA A 83 -0.10 25.46 20.51
N GLU A 84 0.82 25.93 21.32
CA GLU A 84 2.17 25.39 21.32
C GLU A 84 2.17 23.99 21.91
N GLN A 85 1.11 23.68 22.65
CA GLN A 85 0.98 22.39 23.31
C GLN A 85 0.50 21.30 22.38
N LEU A 86 0.08 21.69 21.18
CA LEU A 86 -0.55 20.78 20.25
C LEU A 86 0.45 20.34 19.20
N PHE A 87 0.67 19.03 19.09
CA PHE A 87 1.60 18.49 18.10
C PHE A 87 0.89 17.46 17.24
N SER A 88 0.44 17.89 16.07
CA SER A 88 -0.21 17.00 15.13
C SER A 88 0.81 16.46 14.16
N SER A 89 0.42 15.46 13.37
CA SER A 89 1.33 14.91 12.39
C SER A 89 1.53 15.92 11.26
N ALA A 90 0.54 16.77 11.03
CA ALA A 90 0.64 17.86 10.07
C ALA A 90 1.72 18.84 10.51
N LEU A 91 1.64 19.29 11.75
CA LEU A 91 2.62 20.22 12.27
C LEU A 91 4.03 19.65 12.11
N CYS A 92 4.23 18.44 12.61
CA CYS A 92 5.52 17.79 12.61
C CYS A 92 6.02 17.54 11.19
N ALA A 93 5.08 17.31 10.27
CA ALA A 93 5.41 17.12 8.87
C ALA A 93 6.01 18.40 8.28
N ALA A 94 5.37 19.52 8.62
CA ALA A 94 5.85 20.82 8.17
C ALA A 94 7.22 21.10 8.75
N ARG A 95 7.42 20.69 10.00
CA ARG A 95 8.67 21.01 10.68
C ARG A 95 9.83 20.21 10.11
N LEU A 96 9.57 18.97 9.72
CA LEU A 96 10.59 18.16 9.09
C LEU A 96 10.95 18.73 7.73
N LEU A 97 9.92 19.04 6.94
CA LEU A 97 10.10 19.58 5.61
C LEU A 97 10.88 20.89 5.66
N ARG A 98 10.69 21.69 6.69
CA ARG A 98 11.49 22.90 6.85
C ARG A 98 12.93 22.57 7.23
N GLN A 99 13.14 21.54 8.04
CA GLN A 99 14.49 21.11 8.41
C GLN A 99 15.27 20.59 7.21
N ARG A 100 14.59 19.83 6.35
CA ARG A 100 15.24 19.15 5.24
C ARG A 100 15.35 20.01 3.98
N LEU A 101 14.51 21.04 3.90
CA LEU A 101 14.49 21.91 2.72
C LEU A 101 15.03 23.33 2.99
N PRO A 102 15.77 23.52 4.08
CA PRO A 102 16.31 24.86 4.26
C PRO A 102 17.51 24.95 3.36
N GLY A 103 17.73 26.13 2.78
CA GLY A 103 18.78 26.28 1.80
C GLY A 103 18.95 27.73 1.42
N PRO A 104 20.09 28.03 0.78
CA PRO A 104 20.40 29.40 0.36
C PRO A 104 19.31 29.87 -0.59
N PRO A 105 19.20 31.18 -0.82
CA PRO A 105 18.21 31.55 -1.83
C PRO A 105 18.63 30.94 -3.17
N ASP A 106 17.72 30.23 -3.82
CA ASP A 106 17.96 29.47 -5.05
C ASP A 106 17.85 28.00 -4.71
N ALA A 107 17.73 27.71 -3.41
CA ALA A 107 17.63 26.34 -2.92
C ALA A 107 16.20 25.96 -2.64
N SER A 108 15.27 26.90 -2.78
CA SER A 108 13.90 26.62 -2.38
C SER A 108 13.19 25.79 -3.44
N GLY A 109 12.30 24.93 -2.98
CA GLY A 109 11.55 24.07 -3.87
C GLY A 109 10.10 24.08 -3.42
N ALA A 110 9.28 23.32 -4.12
CA ALA A 110 7.88 23.21 -3.78
C ALA A 110 7.65 21.86 -3.13
N VAL A 111 6.58 21.77 -2.34
CA VAL A 111 6.12 20.49 -1.80
C VAL A 111 4.82 20.09 -2.49
N PHE A 112 4.80 18.87 -3.01
CA PHE A 112 3.59 18.33 -3.62
C PHE A 112 2.80 17.59 -2.54
N VAL A 113 1.60 18.08 -2.23
CA VAL A 113 0.86 17.57 -1.08
C VAL A 113 -0.40 16.80 -1.47
N LEU A 114 -0.43 15.52 -1.10
CA LEU A 114 -1.65 14.74 -1.14
C LEU A 114 -2.32 14.90 0.22
N GLY A 115 -3.23 15.87 0.32
CA GLY A 115 -3.92 16.14 1.57
C GLY A 115 -4.83 17.36 1.50
N GLY A 116 -5.52 17.61 2.60
CA GLY A 116 -6.52 18.66 2.65
C GLY A 116 -5.99 20.07 2.85
N GLU A 117 -6.91 21.01 2.99
CA GLU A 117 -6.55 22.40 3.15
C GLU A 117 -5.77 22.60 4.43
N GLY A 118 -6.24 22.00 5.51
CA GLY A 118 -5.59 22.15 6.80
C GLY A 118 -4.10 21.81 6.74
N LEU A 119 -3.78 20.72 6.07
CA LEU A 119 -2.40 20.29 5.93
C LEU A 119 -1.61 21.31 5.13
N ARG A 120 -2.21 21.82 4.06
CA ARG A 120 -1.54 22.81 3.24
C ARG A 120 -1.22 24.06 4.04
N ALA A 121 -2.22 24.53 4.78
CA ALA A 121 -2.07 25.71 5.63
C ALA A 121 -0.93 25.52 6.61
N GLU A 122 -0.86 24.35 7.21
CA GLU A 122 0.17 24.04 8.19
C GLU A 122 1.55 24.18 7.56
N LEU A 123 1.69 23.71 6.32
CA LEU A 123 2.95 23.80 5.60
C LEU A 123 3.32 25.24 5.26
N ARG A 124 2.31 26.04 4.90
CA ARG A 124 2.54 27.44 4.57
C ARG A 124 3.00 28.23 5.77
N ALA A 125 2.35 27.97 6.90
CA ALA A 125 2.67 28.67 8.14
C ALA A 125 4.13 28.48 8.51
N ALA A 126 4.74 27.40 8.01
CA ALA A 126 6.13 27.11 8.30
C ALA A 126 7.05 27.72 7.27
N GLY A 127 6.47 28.34 6.25
CA GLY A 127 7.24 29.03 5.22
C GLY A 127 7.46 28.22 3.96
N LEU A 128 6.76 27.09 3.84
CA LEU A 128 6.96 26.19 2.71
C LEU A 128 6.10 26.58 1.51
N ARG A 129 6.66 26.39 0.32
CA ARG A 129 5.93 26.65 -0.91
C ARG A 129 5.26 25.35 -1.33
N LEU A 130 4.05 25.44 -1.86
CA LEU A 130 3.31 24.25 -2.28
C LEU A 130 3.10 24.23 -3.78
N ALA A 131 3.18 23.04 -4.37
CA ALA A 131 2.78 22.88 -5.76
C ALA A 131 1.26 23.03 -5.86
N GLY A 132 0.79 23.64 -6.94
CA GLY A 132 -0.63 23.83 -7.13
C GLY A 132 -1.13 25.12 -6.50
N ASP A 133 -0.24 25.80 -5.78
CA ASP A 133 -0.57 27.12 -5.27
C ASP A 133 -0.40 28.10 -6.42
N PRO A 134 -1.09 29.25 -6.33
CA PRO A 134 -1.01 30.27 -7.38
C PRO A 134 0.42 30.68 -7.68
N GLY A 135 0.73 30.79 -8.96
CA GLY A 135 2.02 31.30 -9.39
C GLY A 135 2.95 30.25 -9.95
N GLU A 136 4.14 30.71 -10.31
CA GLU A 136 5.20 29.84 -10.78
C GLU A 136 5.38 28.67 -9.80
N ASP A 137 5.44 27.46 -10.35
CA ASP A 137 5.67 26.27 -9.55
C ASP A 137 7.14 25.86 -9.58
N PRO A 138 7.86 26.05 -8.47
CA PRO A 138 9.27 25.64 -8.44
C PRO A 138 9.44 24.13 -8.62
N ARG A 139 10.68 23.69 -8.76
CA ARG A 139 10.99 22.28 -8.85
C ARG A 139 10.50 21.59 -7.58
N VAL A 140 9.68 20.56 -7.74
CA VAL A 140 9.20 19.81 -6.60
C VAL A 140 10.34 19.04 -5.92
N ARG A 141 10.60 19.38 -4.67
CA ARG A 141 11.69 18.75 -3.93
C ARG A 141 11.16 17.80 -2.85
N ALA A 142 9.83 17.68 -2.74
CA ALA A 142 9.24 16.78 -1.76
C ALA A 142 7.79 16.40 -2.07
N VAL A 143 7.46 15.13 -1.80
CA VAL A 143 6.07 14.68 -1.84
C VAL A 143 5.65 14.35 -0.41
N LEU A 144 4.54 14.93 0.02
CA LEU A 144 3.99 14.66 1.34
C LEU A 144 2.66 13.95 1.19
N VAL A 145 2.54 12.78 1.81
CA VAL A 145 1.28 12.04 1.83
C VAL A 145 0.60 12.20 3.17
N GLY A 146 -0.60 12.76 3.16
CA GLY A 146 -1.40 12.84 4.37
C GLY A 146 -2.77 12.25 4.11
N TYR A 147 -3.70 12.52 5.02
CA TYR A 147 -5.09 12.11 4.84
C TYR A 147 -5.65 12.92 3.68
N ASP A 148 -5.94 12.24 2.58
CA ASP A 148 -6.36 12.89 1.36
C ASP A 148 -7.69 12.34 0.86
N GLU A 149 -8.78 13.03 1.18
CA GLU A 149 -10.09 12.61 0.72
C GLU A 149 -10.26 12.78 -0.79
N GLN A 150 -9.34 13.53 -1.41
CA GLN A 150 -9.38 13.73 -2.85
C GLN A 150 -8.34 12.86 -3.52
N PHE A 151 -7.96 11.77 -2.87
CA PHE A 151 -6.97 10.85 -3.41
C PHE A 151 -7.50 10.23 -4.70
N SER A 152 -6.65 10.18 -5.72
CA SER A 152 -7.03 9.64 -7.01
C SER A 152 -5.86 8.96 -7.71
N PHE A 153 -6.16 8.07 -8.63
CA PHE A 153 -5.13 7.44 -9.44
C PHE A 153 -4.34 8.48 -10.21
N SER A 154 -5.02 9.56 -10.58
CA SER A 154 -4.37 10.63 -11.32
C SER A 154 -3.28 11.27 -10.48
N ARG A 155 -3.59 11.56 -9.22
CA ARG A 155 -2.64 12.24 -8.35
C ARG A 155 -1.58 11.31 -7.79
N LEU A 156 -1.92 10.03 -7.66
CA LEU A 156 -0.94 9.03 -7.29
C LEU A 156 0.13 8.98 -8.38
N THR A 157 -0.31 9.07 -9.63
CA THR A 157 0.59 9.05 -10.76
C THR A 157 1.52 10.24 -10.71
N GLU A 158 0.93 11.39 -10.41
CA GLU A 158 1.69 12.65 -10.30
C GLU A 158 2.74 12.58 -9.20
N ALA A 159 2.34 12.13 -8.02
CA ALA A 159 3.27 11.98 -6.91
C ALA A 159 4.47 11.15 -7.36
N CYS A 160 4.19 10.07 -8.07
CA CYS A 160 5.24 9.17 -8.52
C CYS A 160 6.15 9.81 -9.55
N ALA A 161 5.59 10.69 -10.37
CA ALA A 161 6.38 11.40 -11.37
C ALA A 161 7.46 12.22 -10.64
N HIS A 162 7.04 12.92 -9.61
CA HIS A 162 7.96 13.70 -8.80
C HIS A 162 9.00 12.82 -8.14
N LEU A 163 8.57 11.66 -7.67
CA LEU A 163 9.46 10.78 -6.92
C LEU A 163 10.43 10.00 -7.81
N ARG A 164 10.30 10.13 -9.12
CA ARG A 164 11.26 9.53 -10.05
C ARG A 164 12.64 10.12 -9.79
N ASP A 165 12.64 11.40 -9.44
CA ASP A 165 13.84 12.11 -9.00
C ASP A 165 14.27 11.58 -7.64
N PRO A 166 15.39 10.87 -7.58
CA PRO A 166 15.80 10.32 -6.28
C PRO A 166 16.09 11.39 -5.22
N ASP A 167 16.33 12.63 -5.64
CA ASP A 167 16.59 13.73 -4.70
C ASP A 167 15.28 14.36 -4.17
N CYS A 168 14.14 13.83 -4.59
CA CYS A 168 12.85 14.29 -4.09
C CYS A 168 12.49 13.46 -2.86
N LEU A 169 12.20 14.13 -1.75
CA LEU A 169 11.86 13.43 -0.52
C LEU A 169 10.47 12.86 -0.57
N LEU A 170 10.27 11.74 0.13
CA LEU A 170 8.94 11.21 0.37
C LEU A 170 8.67 11.22 1.86
N VAL A 171 7.72 12.04 2.29
CA VAL A 171 7.33 12.13 3.69
C VAL A 171 5.86 11.74 3.80
N ALA A 172 5.51 11.12 4.93
CA ALA A 172 4.12 10.82 5.23
C ALA A 172 3.83 11.30 6.65
N THR A 173 2.63 11.79 6.88
CA THR A 173 2.28 12.29 8.20
C THR A 173 2.24 11.16 9.21
N ASP A 174 1.75 9.99 8.79
CA ASP A 174 1.59 8.86 9.70
C ASP A 174 1.25 7.59 8.94
N ARG A 175 1.22 6.44 9.62
CA ARG A 175 0.85 5.16 8.98
C ARG A 175 -0.45 4.56 9.54
N ASP A 176 -1.29 5.37 10.17
CA ASP A 176 -2.55 4.83 10.68
C ASP A 176 -3.35 4.28 9.50
N PRO A 177 -3.72 3.00 9.56
CA PRO A 177 -4.34 2.33 8.42
C PRO A 177 -5.80 2.72 8.18
N TRP A 178 -6.53 3.08 9.23
CA TRP A 178 -7.94 3.42 9.10
C TRP A 178 -8.44 4.05 10.40
N HIS A 179 -9.61 4.67 10.36
CA HIS A 179 -10.16 5.31 11.55
C HIS A 179 -11.65 5.06 11.63
N PRO A 180 -12.17 4.90 12.85
CA PRO A 180 -13.61 4.69 13.06
C PRO A 180 -14.37 6.01 12.94
N LEU A 181 -15.57 5.97 12.39
CA LEU A 181 -16.42 7.16 12.31
C LEU A 181 -17.61 6.99 13.25
N SER A 182 -18.39 8.05 13.38
CA SER A 182 -19.55 8.06 14.25
C SER A 182 -20.55 6.95 13.93
N ASP A 183 -20.88 6.80 12.64
CA ASP A 183 -21.89 5.84 12.22
C ASP A 183 -21.41 4.38 12.29
N GLY A 184 -20.16 4.17 12.68
CA GLY A 184 -19.64 2.82 12.86
C GLY A 184 -18.83 2.35 11.67
N SER A 185 -18.79 3.17 10.63
CA SER A 185 -18.00 2.86 9.45
C SER A 185 -16.55 3.30 9.68
N ARG A 186 -15.69 2.91 8.75
CA ARG A 186 -14.29 3.27 8.81
C ARG A 186 -13.92 4.19 7.66
N THR A 187 -12.83 4.92 7.83
CA THR A 187 -12.27 5.69 6.75
C THR A 187 -10.81 5.29 6.58
N PRO A 188 -10.36 5.12 5.34
CA PRO A 188 -8.93 4.82 5.16
C PRO A 188 -8.04 5.90 5.78
N GLY A 189 -6.89 5.49 6.29
CA GLY A 189 -5.94 6.41 6.89
C GLY A 189 -4.71 6.63 6.02
N THR A 190 -3.88 7.59 6.41
CA THR A 190 -2.68 7.91 5.65
C THR A 190 -1.82 6.67 5.41
N GLY A 191 -1.88 5.72 6.33
CA GLY A 191 -1.13 4.50 6.19
C GLY A 191 -1.46 3.76 4.91
N SER A 192 -2.73 3.71 4.53
CA SER A 192 -3.11 3.02 3.30
C SER A 192 -2.69 3.82 2.06
N LEU A 193 -2.73 5.14 2.14
CA LEU A 193 -2.34 5.96 1.02
C LEU A 193 -0.82 5.92 0.86
N ALA A 194 -0.11 5.99 1.98
CA ALA A 194 1.34 5.91 1.96
C ALA A 194 1.77 4.57 1.36
N ALA A 195 1.06 3.51 1.73
CA ALA A 195 1.34 2.18 1.21
C ALA A 195 1.28 2.19 -0.32
N ALA A 196 0.31 2.90 -0.87
CA ALA A 196 0.13 2.96 -2.32
C ALA A 196 1.25 3.77 -2.96
N VAL A 197 1.56 4.92 -2.38
CA VAL A 197 2.60 5.77 -2.93
C VAL A 197 3.96 5.07 -2.85
N GLU A 198 4.27 4.52 -1.67
CA GLU A 198 5.52 3.79 -1.48
C GLU A 198 5.66 2.66 -2.49
N THR A 199 4.62 1.85 -2.58
CA THR A 199 4.65 0.70 -3.46
C THR A 199 4.87 1.15 -4.89
N ALA A 200 4.14 2.19 -5.30
CA ALA A 200 4.16 2.62 -6.70
C ALA A 200 5.44 3.34 -7.09
N SER A 201 6.08 3.96 -6.11
CA SER A 201 7.30 4.73 -6.35
C SER A 201 8.55 3.93 -6.08
N GLY A 202 8.39 2.79 -5.45
CA GLY A 202 9.53 1.98 -5.04
C GLY A 202 10.36 2.70 -4.01
N ARG A 203 9.70 3.36 -3.06
CA ARG A 203 10.39 4.19 -2.09
C ARG A 203 9.89 3.98 -0.68
N GLN A 204 10.78 4.26 0.27
CA GLN A 204 10.43 4.25 1.68
C GLN A 204 10.15 5.69 2.09
N ALA A 205 9.10 5.88 2.89
CA ALA A 205 8.74 7.22 3.32
C ALA A 205 9.25 7.49 4.73
N LEU A 206 9.71 8.71 4.95
CA LEU A 206 9.98 9.20 6.28
C LEU A 206 8.67 9.53 6.94
N VAL A 207 8.31 8.75 7.96
CA VAL A 207 7.07 8.99 8.69
C VAL A 207 7.35 9.84 9.93
N VAL A 208 6.54 10.87 10.14
CA VAL A 208 6.78 11.80 11.25
C VAL A 208 5.92 11.49 12.46
N GLY A 209 4.69 11.01 12.23
CA GLY A 209 3.76 10.80 13.34
C GLY A 209 3.98 9.55 14.16
N LYS A 210 3.23 9.41 15.25
CA LYS A 210 3.29 8.22 16.07
C LYS A 210 3.04 6.98 15.22
N PRO A 211 3.76 5.88 15.50
CA PRO A 211 4.70 5.73 16.61
C PRO A 211 6.14 6.13 16.26
N SER A 212 6.33 6.93 15.21
CA SER A 212 7.67 7.42 14.90
C SER A 212 8.19 8.28 16.05
N PRO A 213 9.47 8.15 16.40
CA PRO A 213 10.03 8.96 17.48
C PRO A 213 10.13 10.44 17.10
N TYR A 214 10.04 10.75 15.81
CA TYR A 214 10.20 12.12 15.36
C TYR A 214 9.18 13.07 15.96
N MET A 215 7.95 12.58 16.12
CA MET A 215 6.90 13.37 16.75
C MET A 215 7.33 13.77 18.16
N PHE A 216 8.01 12.87 18.85
CA PHE A 216 8.46 13.15 20.21
C PHE A 216 9.64 14.11 20.18
N GLN A 217 10.43 14.04 19.11
CA GLN A 217 11.55 14.94 18.92
C GLN A 217 11.07 16.38 18.76
N CYS A 218 10.02 16.58 17.96
CA CYS A 218 9.41 17.90 17.85
C CYS A 218 9.07 18.43 19.23
N ILE A 219 8.57 17.55 20.09
CA ILE A 219 8.12 17.98 21.39
C ILE A 219 9.29 18.37 22.30
N THR A 220 10.36 17.59 22.27
CA THR A 220 11.51 17.85 23.13
C THR A 220 12.29 19.09 22.71
N GLU A 221 12.14 19.48 21.44
CA GLU A 221 12.77 20.70 20.94
C GLU A 221 12.02 21.96 21.42
N ASP A 222 10.77 21.78 21.84
CA ASP A 222 9.94 22.90 22.26
C ASP A 222 9.77 22.99 23.79
N PHE A 223 9.93 21.86 24.47
CA PHE A 223 9.73 21.81 25.92
C PHE A 223 10.70 20.82 26.56
N SER A 224 11.07 21.06 27.82
CA SER A 224 11.82 20.08 28.57
C SER A 224 10.90 18.95 28.98
N VAL A 225 11.17 17.76 28.46
CA VAL A 225 10.37 16.59 28.76
C VAL A 225 11.25 15.41 29.12
N ASP A 226 11.08 14.91 30.34
CA ASP A 226 11.79 13.72 30.80
C ASP A 226 10.88 12.51 30.59
N PRO A 227 11.20 11.68 29.59
CA PRO A 227 10.34 10.53 29.30
C PRO A 227 10.06 9.66 30.52
N ALA A 228 10.99 9.63 31.48
CA ALA A 228 10.78 8.83 32.69
C ALA A 228 9.64 9.40 33.53
N ARG A 229 9.49 10.72 33.51
CA ARG A 229 8.50 11.38 34.34
C ARG A 229 7.24 11.75 33.53
N THR A 230 7.12 11.21 32.32
CA THR A 230 5.96 11.53 31.47
C THR A 230 5.07 10.32 31.20
N LEU A 231 3.75 10.54 31.22
CA LEU A 231 2.81 9.49 30.91
C LEU A 231 2.27 9.69 29.50
N MET A 232 2.34 8.64 28.69
CA MET A 232 1.78 8.67 27.35
C MET A 232 0.41 8.01 27.38
N VAL A 233 -0.64 8.80 27.18
CA VAL A 233 -2.02 8.28 27.24
C VAL A 233 -2.68 8.26 25.87
N GLY A 234 -3.08 7.07 25.43
CA GLY A 234 -3.69 6.90 24.13
C GLY A 234 -4.69 5.77 24.08
N ASP A 235 -5.37 5.64 22.95
CA ASP A 235 -6.43 4.66 22.80
C ASP A 235 -6.07 3.59 21.77
N ARG A 236 -4.90 3.72 21.16
CA ARG A 236 -4.48 2.81 20.10
C ARG A 236 -3.13 2.16 20.39
N LEU A 237 -3.06 0.85 20.31
CA LEU A 237 -1.92 0.11 20.82
C LEU A 237 -0.77 0.21 19.83
N GLU A 238 -1.12 0.14 18.56
CA GLU A 238 -0.14 0.02 17.50
C GLU A 238 0.42 1.37 17.09
N THR A 239 -0.09 2.45 17.68
CA THR A 239 0.46 3.78 17.41
C THR A 239 0.81 4.49 18.71
N ASP A 240 -0.16 4.63 19.62
CA ASP A 240 0.03 5.38 20.85
C ASP A 240 0.95 4.67 21.86
N ILE A 241 0.66 3.40 22.13
CA ILE A 241 1.37 2.66 23.18
C ILE A 241 2.79 2.30 22.72
N LEU A 242 2.91 1.87 21.48
CA LEU A 242 4.22 1.58 20.90
C LEU A 242 5.08 2.85 20.91
N PHE A 243 4.45 3.98 20.59
CA PHE A 243 5.10 5.29 20.67
C PHE A 243 5.68 5.52 22.06
N GLY A 244 4.83 5.37 23.08
CA GLY A 244 5.27 5.53 24.45
C GLY A 244 6.49 4.66 24.75
N HIS A 245 6.46 3.39 24.35
CA HIS A 245 7.58 2.50 24.63
C HIS A 245 8.87 2.97 23.98
N ARG A 246 8.81 3.29 22.69
CA ARG A 246 9.97 3.77 21.96
C ARG A 246 10.55 5.05 22.57
N CYS A 247 9.70 5.86 23.19
CA CYS A 247 10.16 7.12 23.76
C CYS A 247 10.55 7.01 25.24
N GLY A 248 10.28 5.87 25.85
CA GLY A 248 10.73 5.63 27.22
C GLY A 248 9.78 6.16 28.27
N MET A 249 8.53 6.41 27.89
CA MET A 249 7.56 6.88 28.86
C MET A 249 6.72 5.74 29.39
N THR A 250 5.84 6.07 30.32
CA THR A 250 4.94 5.09 30.89
C THR A 250 3.64 5.22 30.13
N THR A 251 3.07 4.08 29.77
CA THR A 251 2.01 4.03 28.81
C THR A 251 0.70 3.69 29.49
N VAL A 252 -0.35 4.36 29.08
CA VAL A 252 -1.68 4.13 29.62
C VAL A 252 -2.68 4.02 28.48
N LEU A 253 -3.24 2.84 28.33
CA LEU A 253 -4.30 2.62 27.35
C LEU A 253 -5.63 3.02 27.96
N THR A 254 -6.37 3.85 27.23
CA THR A 254 -7.73 4.16 27.62
C THR A 254 -8.69 3.44 26.67
N LEU A 255 -9.87 3.08 27.16
CA LEU A 255 -10.75 2.18 26.42
C LEU A 255 -11.88 2.89 25.69
N THR A 256 -11.82 4.21 25.62
CA THR A 256 -12.86 4.99 24.97
C THR A 256 -12.65 5.14 23.46
N GLY A 257 -11.69 4.40 22.91
CA GLY A 257 -11.33 4.55 21.52
C GLY A 257 -11.20 3.23 20.79
N VAL A 258 -10.24 3.16 19.88
CA VAL A 258 -10.08 2.04 18.96
C VAL A 258 -9.80 0.70 19.65
N SER A 259 -8.75 0.66 20.48
CA SER A 259 -8.30 -0.60 21.07
C SER A 259 -9.12 -1.06 22.27
N SER A 260 -9.04 -2.36 22.53
CA SER A 260 -9.78 -3.00 23.60
C SER A 260 -8.84 -3.65 24.59
N LEU A 261 -9.35 -3.89 25.80
CA LEU A 261 -8.55 -4.55 26.82
C LEU A 261 -8.10 -5.92 26.35
N GLU A 262 -8.99 -6.65 25.69
CA GLU A 262 -8.67 -8.02 25.28
C GLU A 262 -7.59 -8.02 24.20
N GLU A 263 -7.63 -7.03 23.32
CA GLU A 263 -6.60 -6.92 22.28
C GLU A 263 -5.23 -6.75 22.91
N ALA A 264 -5.15 -5.92 23.94
CA ALA A 264 -3.90 -5.67 24.63
C ALA A 264 -3.40 -6.94 25.31
N GLN A 265 -4.31 -7.66 25.98
CA GLN A 265 -3.94 -8.87 26.70
C GLN A 265 -3.48 -9.97 25.75
N ALA A 266 -3.97 -9.94 24.52
CA ALA A 266 -3.51 -10.89 23.52
C ALA A 266 -2.04 -10.63 23.22
N TYR A 267 -1.69 -9.37 23.01
CA TYR A 267 -0.31 -9.01 22.75
C TYR A 267 0.56 -9.43 23.93
N LEU A 268 -0.01 -9.37 25.14
CA LEU A 268 0.73 -9.71 26.34
C LEU A 268 1.07 -11.20 26.40
N THR A 269 0.06 -12.07 26.25
CA THR A 269 0.34 -13.50 26.26
C THR A 269 1.25 -13.82 25.09
N ALA A 270 1.06 -13.11 23.97
CA ALA A 270 1.85 -13.35 22.76
C ALA A 270 3.31 -12.93 22.94
N GLY A 271 3.60 -12.18 24.00
CA GLY A 271 4.95 -11.77 24.28
C GLY A 271 5.45 -10.60 23.45
N GLN A 272 4.53 -9.88 22.81
CA GLN A 272 4.91 -8.68 22.07
C GLN A 272 4.84 -7.52 23.03
N ARG A 273 5.95 -7.31 23.75
CA ARG A 273 5.99 -6.42 24.89
C ARG A 273 5.73 -4.97 24.51
N ASP A 274 6.24 -4.58 23.34
CA ASP A 274 6.14 -3.19 22.90
C ASP A 274 4.71 -2.80 22.49
N LEU A 275 3.79 -3.75 22.46
CA LEU A 275 2.40 -3.44 22.12
C LEU A 275 1.49 -3.58 23.33
N VAL A 276 2.09 -3.74 24.52
CA VAL A 276 1.30 -3.91 25.74
C VAL A 276 1.44 -2.69 26.63
N PRO A 277 0.31 -2.10 27.05
CA PRO A 277 0.35 -0.91 27.89
C PRO A 277 0.74 -1.25 29.32
N HIS A 278 1.55 -0.40 29.96
CA HIS A 278 1.90 -0.61 31.36
C HIS A 278 0.61 -0.67 32.16
N TYR A 279 -0.26 0.31 31.92
CA TYR A 279 -1.53 0.40 32.63
C TYR A 279 -2.71 0.65 31.69
N TYR A 280 -3.91 0.61 32.26
CA TYR A 280 -5.10 0.97 31.49
C TYR A 280 -6.18 1.57 32.40
N VAL A 281 -7.05 2.37 31.79
CA VAL A 281 -8.20 2.92 32.46
C VAL A 281 -9.39 2.81 31.51
N GLU A 282 -10.61 2.85 32.04
CA GLU A 282 -11.80 2.84 31.19
C GLU A 282 -11.97 4.20 30.52
N SER A 283 -11.71 5.26 31.26
CA SER A 283 -11.65 6.63 30.73
C SER A 283 -10.48 7.35 31.36
N ILE A 284 -10.03 8.42 30.70
CA ILE A 284 -9.02 9.26 31.30
C ILE A 284 -9.63 9.97 32.50
N ALA A 285 -10.96 10.04 32.52
CA ALA A 285 -11.69 10.58 33.67
C ALA A 285 -11.34 9.80 34.95
N ASP A 286 -11.14 8.50 34.83
CA ASP A 286 -10.79 7.68 35.99
C ASP A 286 -9.47 8.14 36.64
N LEU A 287 -8.65 8.88 35.90
CA LEU A 287 -7.38 9.34 36.43
C LEU A 287 -7.55 10.43 37.49
N MET A 288 -8.77 10.92 37.67
CA MET A 288 -9.00 12.00 38.63
C MET A 288 -9.05 11.53 40.08
N GLU A 289 -9.30 10.24 40.29
CA GLU A 289 -9.30 9.70 41.64
C GLU A 289 -7.97 9.99 42.31
N GLY A 290 -6.93 10.19 41.50
CA GLY A 290 -5.59 10.42 42.00
C GLY A 290 -5.22 11.88 42.12
N LEU A 291 -6.23 12.73 42.37
CA LEU A 291 -6.01 14.15 42.55
C LEU A 291 -6.90 14.70 43.67
N MET B 2 20.79 -24.63 -11.38
CA MET B 2 20.81 -23.26 -10.79
C MET B 2 21.24 -22.24 -11.83
N ALA B 3 20.39 -21.23 -12.03
CA ALA B 3 20.55 -20.26 -13.11
C ALA B 3 21.88 -19.51 -13.05
N ARG B 4 22.50 -19.32 -14.20
CA ARG B 4 23.76 -18.59 -14.27
C ARG B 4 23.62 -17.37 -15.19
N CYS B 5 22.42 -17.13 -15.69
CA CYS B 5 22.14 -15.96 -16.52
C CYS B 5 23.18 -15.83 -17.63
N GLU B 6 23.52 -16.94 -18.25
CA GLU B 6 24.42 -16.90 -19.39
C GLU B 6 23.61 -16.61 -20.64
N ARG B 7 24.16 -15.77 -21.52
CA ARG B 7 23.49 -15.42 -22.76
C ARG B 7 23.22 -16.67 -23.58
N LEU B 8 22.01 -16.77 -24.11
CA LEU B 8 21.64 -17.92 -24.92
C LEU B 8 21.95 -17.66 -26.38
N ARG B 9 23.04 -18.24 -26.86
CA ARG B 9 23.48 -18.06 -28.23
C ARG B 9 24.10 -19.34 -28.75
N GLY B 10 24.28 -19.40 -30.07
CA GLY B 10 24.94 -20.52 -30.72
C GLY B 10 24.33 -21.87 -30.40
N ALA B 11 25.18 -22.82 -30.02
CA ALA B 11 24.75 -24.20 -29.79
C ALA B 11 23.69 -24.32 -28.71
N ALA B 12 23.94 -23.66 -27.58
CA ALA B 12 23.03 -23.69 -26.45
C ALA B 12 21.58 -23.39 -26.86
N LEU B 13 21.41 -22.37 -27.67
CA LEU B 13 20.08 -21.94 -28.11
C LEU B 13 19.35 -23.05 -28.86
N ARG B 14 20.07 -23.76 -29.73
CA ARG B 14 19.48 -24.84 -30.52
C ARG B 14 19.06 -26.01 -29.64
N ASP B 15 19.90 -26.34 -28.66
CA ASP B 15 19.61 -27.41 -27.73
C ASP B 15 18.34 -27.11 -26.95
N VAL B 16 18.36 -25.96 -26.26
CA VAL B 16 17.28 -25.59 -25.36
C VAL B 16 15.91 -25.57 -26.03
N LEU B 17 15.85 -24.97 -27.22
CA LEU B 17 14.58 -24.91 -27.95
C LEU B 17 14.08 -26.31 -28.30
N GLY B 18 14.91 -27.08 -29.00
CA GLY B 18 14.53 -28.43 -29.40
C GLY B 18 14.02 -29.25 -28.23
N GLN B 19 14.60 -29.05 -27.06
CA GLN B 19 14.22 -29.76 -25.84
C GLN B 19 12.77 -29.51 -25.44
N ALA B 20 12.30 -28.28 -25.64
CA ALA B 20 11.01 -27.83 -25.09
C ALA B 20 9.77 -28.25 -25.87
N GLN B 21 8.65 -28.42 -25.16
CA GLN B 21 7.36 -28.65 -25.81
C GLN B 21 6.90 -27.37 -26.44
N GLY B 22 7.10 -26.28 -25.70
CA GLY B 22 6.62 -24.97 -26.08
C GLY B 22 7.21 -23.86 -25.24
N VAL B 23 6.76 -22.64 -25.51
CA VAL B 23 7.27 -21.48 -24.82
C VAL B 23 6.10 -20.73 -24.21
N LEU B 24 6.30 -20.26 -22.99
CA LEU B 24 5.34 -19.36 -22.35
C LEU B 24 5.88 -17.95 -22.48
N PHE B 25 5.16 -17.13 -23.24
CA PHE B 25 5.56 -15.75 -23.41
C PHE B 25 4.77 -14.82 -22.50
N ASP B 26 5.50 -13.95 -21.81
CA ASP B 26 4.90 -12.76 -21.24
C ASP B 26 4.65 -11.86 -22.43
N CYS B 27 3.72 -10.91 -22.30
CA CYS B 27 3.33 -10.08 -23.44
C CYS B 27 4.06 -8.75 -23.48
N ASP B 28 3.73 -7.84 -22.56
CA ASP B 28 4.36 -6.54 -22.54
C ASP B 28 5.84 -6.68 -22.20
N GLY B 29 6.69 -6.10 -23.05
CA GLY B 29 8.11 -6.12 -22.83
C GLY B 29 8.78 -7.27 -23.55
N VAL B 30 7.96 -8.14 -24.14
CA VAL B 30 8.46 -9.32 -24.84
C VAL B 30 8.01 -9.32 -26.30
N LEU B 31 6.71 -9.23 -26.53
CA LEU B 31 6.18 -9.26 -27.87
C LEU B 31 6.06 -7.84 -28.42
N TRP B 32 5.85 -6.89 -27.51
CA TRP B 32 5.64 -5.50 -27.90
C TRP B 32 5.97 -4.54 -26.78
N ASN B 33 6.10 -3.26 -27.14
CA ASN B 33 6.15 -2.17 -26.18
C ASN B 33 5.19 -1.11 -26.68
N GLY B 34 4.04 -1.00 -26.04
CA GLY B 34 3.00 -0.14 -26.55
C GLY B 34 2.52 -0.66 -27.89
N GLU B 35 2.46 0.22 -28.89
CA GLU B 35 2.00 -0.15 -30.22
C GLU B 35 3.14 -0.64 -31.10
N ARG B 36 4.37 -0.55 -30.59
CA ARG B 36 5.53 -0.96 -31.34
C ARG B 36 5.88 -2.42 -31.02
N ILE B 37 5.60 -3.33 -31.95
CA ILE B 37 5.95 -4.73 -31.75
C ILE B 37 7.46 -4.88 -31.75
N VAL B 38 7.94 -5.94 -31.11
CA VAL B 38 9.35 -6.28 -31.14
C VAL B 38 9.70 -6.88 -32.49
N PRO B 39 10.58 -6.21 -33.24
CA PRO B 39 10.95 -6.73 -34.56
C PRO B 39 11.30 -8.21 -34.48
N GLY B 40 10.63 -9.03 -35.29
CA GLY B 40 10.92 -10.44 -35.38
C GLY B 40 9.97 -11.30 -34.59
N ALA B 41 9.29 -10.71 -33.62
CA ALA B 41 8.41 -11.46 -32.74
C ALA B 41 7.31 -12.22 -33.50
N PRO B 42 6.58 -11.54 -34.39
CA PRO B 42 5.56 -12.25 -35.15
C PRO B 42 6.16 -13.41 -35.91
N GLU B 43 7.30 -13.15 -36.54
CA GLU B 43 8.01 -14.15 -37.32
C GLU B 43 8.41 -15.33 -36.44
N LEU B 44 8.86 -15.02 -35.23
CA LEU B 44 9.29 -16.05 -34.29
C LEU B 44 8.16 -17.02 -33.96
N LEU B 45 6.98 -16.50 -33.67
CA LEU B 45 5.85 -17.34 -33.29
C LEU B 45 5.50 -18.31 -34.41
N GLN B 46 5.48 -17.82 -35.63
CA GLN B 46 5.18 -18.65 -36.79
C GLN B 46 6.16 -19.82 -36.86
N ARG B 47 7.44 -19.50 -36.80
CA ARG B 47 8.49 -20.49 -36.89
C ARG B 47 8.46 -21.45 -35.72
N LEU B 48 7.89 -21.02 -34.60
CA LEU B 48 7.74 -21.89 -33.45
C LEU B 48 6.60 -22.89 -33.67
N ALA B 49 5.52 -22.42 -34.31
CA ALA B 49 4.35 -23.25 -34.55
C ALA B 49 4.63 -24.30 -35.62
N ARG B 50 5.30 -23.86 -36.67
CA ARG B 50 5.68 -24.75 -37.78
C ARG B 50 6.62 -25.83 -37.29
N ALA B 51 7.52 -25.45 -36.38
CA ALA B 51 8.46 -26.39 -35.77
C ALA B 51 7.74 -27.35 -34.82
N GLY B 52 6.45 -27.09 -34.59
CA GLY B 52 5.62 -27.97 -33.79
C GLY B 52 5.68 -27.68 -32.31
N LYS B 53 6.09 -26.47 -31.96
CA LYS B 53 6.19 -26.07 -30.57
C LYS B 53 5.02 -25.21 -30.15
N ASN B 54 4.30 -25.66 -29.13
CA ASN B 54 3.15 -24.93 -28.63
C ASN B 54 3.56 -23.61 -28.03
N THR B 55 2.68 -22.61 -28.16
CA THR B 55 2.94 -21.31 -27.58
C THR B 55 1.74 -20.88 -26.77
N LEU B 56 2.00 -20.46 -25.54
CA LEU B 56 0.98 -19.90 -24.68
C LEU B 56 1.47 -18.55 -24.22
N PHE B 57 0.55 -17.75 -23.70
CA PHE B 57 0.88 -16.38 -23.36
C PHE B 57 0.30 -16.02 -22.01
N VAL B 58 1.11 -15.39 -21.18
CA VAL B 58 0.67 -14.99 -19.85
C VAL B 58 0.90 -13.51 -19.68
N SER B 59 -0.03 -12.86 -18.98
CA SER B 59 0.06 -11.42 -18.83
C SER B 59 -0.62 -11.02 -17.55
N ASN B 60 0.01 -10.14 -16.78
CA ASN B 60 -0.60 -9.63 -15.57
C ASN B 60 -1.46 -8.41 -15.87
N ASN B 61 -1.59 -8.10 -17.16
CA ASN B 61 -2.43 -6.99 -17.57
C ASN B 61 -3.90 -7.34 -17.39
N SER B 62 -4.60 -6.56 -16.56
CA SER B 62 -6.01 -6.82 -16.31
C SER B 62 -6.93 -5.79 -16.95
N ARG B 63 -6.49 -5.20 -18.07
CA ARG B 63 -7.32 -4.21 -18.73
C ARG B 63 -8.19 -4.77 -19.83
N ARG B 64 -7.73 -5.84 -20.47
CA ARG B 64 -8.41 -6.36 -21.65
C ARG B 64 -9.01 -7.74 -21.43
N ALA B 65 -10.28 -7.88 -21.74
CA ALA B 65 -10.91 -9.18 -21.72
C ALA B 65 -10.34 -9.99 -22.87
N ARG B 66 -10.50 -11.31 -22.80
CA ARG B 66 -9.83 -12.22 -23.73
C ARG B 66 -10.11 -11.87 -25.19
N PRO B 67 -11.37 -11.50 -25.52
CA PRO B 67 -11.71 -11.17 -26.91
C PRO B 67 -10.88 -9.99 -27.46
N GLU B 68 -10.76 -8.90 -26.68
CA GLU B 68 -10.01 -7.73 -27.12
C GLU B 68 -8.50 -8.00 -27.18
N LEU B 69 -8.03 -8.87 -26.29
CA LEU B 69 -6.62 -9.22 -26.27
C LEU B 69 -6.30 -10.04 -27.52
N ALA B 70 -7.24 -10.86 -27.95
CA ALA B 70 -7.09 -11.63 -29.17
C ALA B 70 -7.02 -10.70 -30.41
N LEU B 71 -7.82 -9.64 -30.40
CA LEU B 71 -7.78 -8.65 -31.46
C LEU B 71 -6.46 -7.92 -31.49
N ARG B 72 -5.94 -7.59 -30.32
CA ARG B 72 -4.67 -6.90 -30.25
C ARG B 72 -3.59 -7.71 -30.94
N PHE B 73 -3.48 -8.99 -30.62
CA PHE B 73 -2.50 -9.86 -31.26
C PHE B 73 -2.63 -9.78 -32.78
N ALA B 74 -3.84 -10.00 -33.28
CA ALA B 74 -4.08 -10.00 -34.73
C ALA B 74 -3.66 -8.67 -35.34
N ARG B 75 -4.23 -7.60 -34.81
CA ARG B 75 -4.01 -6.26 -35.32
C ARG B 75 -2.53 -5.89 -35.37
N LEU B 76 -1.74 -6.45 -34.45
CA LEU B 76 -0.33 -6.12 -34.35
C LEU B 76 0.54 -6.99 -35.27
N GLY B 77 -0.03 -8.06 -35.79
CA GLY B 77 0.65 -8.91 -36.76
C GLY B 77 0.79 -10.37 -36.36
N PHE B 78 0.30 -10.72 -35.17
CA PHE B 78 0.38 -12.10 -34.72
C PHE B 78 -0.86 -12.87 -35.18
N ALA B 79 -0.69 -13.67 -36.21
CA ALA B 79 -1.80 -14.36 -36.85
C ALA B 79 -1.99 -15.78 -36.32
N GLY B 80 -3.17 -16.33 -36.55
CA GLY B 80 -3.44 -17.73 -36.26
C GLY B 80 -3.31 -18.09 -34.79
N LEU B 81 -3.69 -17.15 -33.92
CA LEU B 81 -3.70 -17.42 -32.49
C LEU B 81 -5.11 -17.73 -32.04
N ARG B 82 -5.22 -18.61 -31.06
CA ARG B 82 -6.50 -19.04 -30.53
C ARG B 82 -6.68 -18.29 -29.22
N ALA B 83 -7.92 -17.95 -28.87
CA ALA B 83 -8.16 -17.19 -27.66
C ALA B 83 -7.80 -18.01 -26.43
N GLU B 84 -7.82 -19.33 -26.57
CA GLU B 84 -7.54 -20.21 -25.44
C GLU B 84 -6.07 -20.13 -25.03
N GLN B 85 -5.23 -19.62 -25.92
CA GLN B 85 -3.79 -19.53 -25.66
C GLN B 85 -3.45 -18.33 -24.79
N LEU B 86 -4.42 -17.46 -24.56
CA LEU B 86 -4.17 -16.21 -23.86
C LEU B 86 -4.63 -16.29 -22.42
N PHE B 87 -3.73 -16.00 -21.48
CA PHE B 87 -4.03 -16.03 -20.05
C PHE B 87 -3.66 -14.75 -19.32
N SER B 88 -4.64 -13.88 -19.09
CA SER B 88 -4.40 -12.64 -18.34
C SER B 88 -4.78 -12.80 -16.88
N SER B 89 -4.41 -11.82 -16.06
CA SER B 89 -4.74 -11.83 -14.64
C SER B 89 -6.23 -11.59 -14.45
N ALA B 90 -6.83 -10.85 -15.38
CA ALA B 90 -8.28 -10.65 -15.40
C ALA B 90 -8.97 -12.00 -15.59
N LEU B 91 -8.53 -12.77 -16.58
CA LEU B 91 -9.10 -14.08 -16.84
C LEU B 91 -9.05 -14.99 -15.62
N CYS B 92 -7.85 -15.22 -15.07
CA CYS B 92 -7.72 -16.13 -13.93
C CYS B 92 -8.38 -15.57 -12.67
N ALA B 93 -8.47 -14.26 -12.54
CA ALA B 93 -9.17 -13.69 -11.39
C ALA B 93 -10.63 -14.11 -11.45
N ALA B 94 -11.23 -14.03 -12.63
CA ALA B 94 -12.62 -14.42 -12.82
C ALA B 94 -12.77 -15.90 -12.52
N ARG B 95 -11.78 -16.69 -12.91
CA ARG B 95 -11.85 -18.13 -12.74
C ARG B 95 -11.72 -18.51 -11.27
N LEU B 96 -10.91 -17.78 -10.52
CA LEU B 96 -10.77 -18.05 -9.10
C LEU B 96 -12.03 -17.67 -8.34
N LEU B 97 -12.54 -16.48 -8.60
CA LEU B 97 -13.73 -16.01 -7.91
C LEU B 97 -14.88 -16.96 -8.14
N ARG B 98 -14.93 -17.57 -9.33
CA ARG B 98 -15.97 -18.53 -9.62
C ARG B 98 -15.76 -19.79 -8.78
N GLN B 99 -14.51 -20.21 -8.65
CA GLN B 99 -14.16 -21.42 -7.87
C GLN B 99 -14.40 -21.25 -6.38
N ARG B 100 -14.22 -20.04 -5.86
CA ARG B 100 -14.34 -19.81 -4.43
C ARG B 100 -15.75 -19.43 -4.02
N LEU B 101 -16.57 -19.00 -4.97
CA LEU B 101 -17.94 -18.61 -4.68
C LEU B 101 -19.02 -19.57 -5.23
N PRO B 102 -18.62 -20.79 -5.66
CA PRO B 102 -19.62 -21.73 -6.18
C PRO B 102 -20.26 -22.54 -5.07
N GLY B 103 -20.03 -22.18 -3.81
CA GLY B 103 -20.53 -22.97 -2.70
C GLY B 103 -21.93 -23.46 -2.96
N PRO B 104 -22.33 -24.55 -2.27
CA PRO B 104 -23.66 -25.12 -2.56
C PRO B 104 -24.85 -24.21 -2.23
N PRO B 105 -24.67 -23.18 -1.38
CA PRO B 105 -25.90 -22.40 -1.16
C PRO B 105 -26.37 -21.71 -2.43
N ASP B 106 -27.65 -21.86 -2.72
CA ASP B 106 -28.25 -21.25 -3.91
C ASP B 106 -28.20 -19.71 -3.80
N ALA B 107 -27.68 -19.22 -2.69
CA ALA B 107 -27.62 -17.78 -2.45
C ALA B 107 -26.29 -17.18 -2.89
N SER B 108 -26.23 -16.82 -4.17
CA SER B 108 -25.03 -16.25 -4.79
C SER B 108 -24.93 -14.74 -4.51
N GLY B 109 -23.74 -14.19 -4.63
CA GLY B 109 -23.51 -12.77 -4.39
C GLY B 109 -22.77 -12.09 -5.53
N ALA B 110 -22.52 -10.79 -5.39
CA ALA B 110 -21.84 -10.00 -6.42
C ALA B 110 -20.41 -9.65 -6.06
N VAL B 111 -19.62 -9.31 -7.07
CA VAL B 111 -18.25 -8.87 -6.88
C VAL B 111 -18.11 -7.37 -7.10
N PHE B 112 -17.50 -6.69 -6.14
CA PHE B 112 -17.21 -5.27 -6.25
C PHE B 112 -15.84 -5.13 -6.91
N VAL B 113 -15.82 -4.49 -8.07
CA VAL B 113 -14.61 -4.46 -8.90
C VAL B 113 -14.01 -3.08 -8.98
N LEU B 114 -12.76 -2.98 -8.51
CA LEU B 114 -11.93 -1.81 -8.76
C LEU B 114 -11.13 -2.05 -10.02
N GLY B 115 -11.65 -1.64 -11.17
CA GLY B 115 -10.99 -1.86 -12.44
C GLY B 115 -11.83 -1.41 -13.61
N GLY B 116 -11.30 -1.54 -14.82
CA GLY B 116 -11.97 -1.07 -16.01
C GLY B 116 -13.02 -2.02 -16.55
N GLU B 117 -13.58 -1.68 -17.72
CA GLU B 117 -14.59 -2.52 -18.35
C GLU B 117 -14.03 -3.89 -18.70
N GLY B 118 -12.83 -3.93 -19.24
CA GLY B 118 -12.23 -5.20 -19.63
C GLY B 118 -12.22 -6.20 -18.50
N LEU B 119 -11.88 -5.74 -17.30
CA LEU B 119 -11.84 -6.62 -16.14
C LEU B 119 -13.26 -7.09 -15.77
N ARG B 120 -14.20 -6.16 -15.72
CA ARG B 120 -15.58 -6.48 -15.41
C ARG B 120 -16.13 -7.43 -16.46
N ALA B 121 -15.81 -7.13 -17.71
CA ALA B 121 -16.23 -7.97 -18.83
C ALA B 121 -15.79 -9.41 -18.63
N GLU B 122 -14.55 -9.58 -18.21
CA GLU B 122 -14.00 -10.90 -18.03
C GLU B 122 -14.78 -11.70 -16.99
N LEU B 123 -15.15 -11.04 -15.90
CA LEU B 123 -15.94 -11.68 -14.85
C LEU B 123 -17.37 -12.03 -15.30
N ARG B 124 -17.97 -11.16 -16.10
CA ARG B 124 -19.31 -11.43 -16.63
C ARG B 124 -19.26 -12.64 -17.53
N ALA B 125 -18.19 -12.76 -18.31
CA ALA B 125 -18.03 -13.90 -19.20
C ALA B 125 -17.98 -15.21 -18.42
N ALA B 126 -17.58 -15.13 -17.15
CA ALA B 126 -17.46 -16.31 -16.32
C ALA B 126 -18.76 -16.62 -15.59
N GLY B 127 -19.72 -15.71 -15.67
CA GLY B 127 -21.02 -15.90 -15.05
C GLY B 127 -21.19 -15.20 -13.70
N LEU B 128 -20.25 -14.33 -13.35
CA LEU B 128 -20.31 -13.61 -12.08
C LEU B 128 -21.09 -12.30 -12.22
N ARG B 129 -21.85 -11.96 -11.19
CA ARG B 129 -22.58 -10.69 -11.15
C ARG B 129 -21.75 -9.61 -10.47
N LEU B 130 -21.88 -8.38 -10.94
CA LEU B 130 -21.08 -7.26 -10.42
C LEU B 130 -21.91 -6.20 -9.69
N ALA B 131 -21.31 -5.63 -8.64
CA ALA B 131 -21.93 -4.48 -7.99
C ALA B 131 -21.88 -3.31 -8.97
N GLY B 132 -22.92 -2.48 -8.98
CA GLY B 132 -22.94 -1.35 -9.89
C GLY B 132 -23.52 -1.70 -11.24
N ASP B 133 -23.82 -2.98 -11.45
CA ASP B 133 -24.56 -3.41 -12.63
C ASP B 133 -26.04 -3.14 -12.41
N PRO B 134 -26.81 -3.01 -13.50
CA PRO B 134 -28.25 -2.76 -13.43
C PRO B 134 -28.97 -3.80 -12.59
N GLY B 135 -29.90 -3.36 -11.75
CA GLY B 135 -30.75 -4.28 -11.02
C GLY B 135 -30.42 -4.39 -9.55
N GLU B 136 -31.15 -5.27 -8.88
CA GLU B 136 -30.89 -5.57 -7.48
C GLU B 136 -29.42 -5.87 -7.29
N ASP B 137 -28.80 -5.26 -6.28
CA ASP B 137 -27.41 -5.55 -5.96
C ASP B 137 -27.35 -6.57 -4.86
N PRO B 138 -26.94 -7.80 -5.19
CA PRO B 138 -26.81 -8.86 -4.18
C PRO B 138 -25.79 -8.49 -3.11
N ARG B 139 -25.71 -9.32 -2.08
CA ARG B 139 -24.69 -9.19 -1.06
C ARG B 139 -23.32 -9.28 -1.72
N VAL B 140 -22.48 -8.24 -1.53
CA VAL B 140 -21.13 -8.29 -2.05
C VAL B 140 -20.36 -9.37 -1.30
N ARG B 141 -19.91 -10.37 -2.04
CA ARG B 141 -19.23 -11.52 -1.45
C ARG B 141 -17.75 -11.51 -1.76
N ALA B 142 -17.30 -10.51 -2.52
CA ALA B 142 -15.88 -10.38 -2.86
C ALA B 142 -15.51 -9.01 -3.41
N VAL B 143 -14.33 -8.53 -3.03
CA VAL B 143 -13.75 -7.35 -3.63
C VAL B 143 -12.57 -7.78 -4.49
N LEU B 144 -12.53 -7.32 -5.73
CA LEU B 144 -11.43 -7.60 -6.63
C LEU B 144 -10.65 -6.32 -6.94
N VAL B 145 -9.34 -6.35 -6.71
CA VAL B 145 -8.51 -5.20 -7.00
C VAL B 145 -7.76 -5.43 -8.31
N GLY B 146 -7.99 -4.58 -9.30
CA GLY B 146 -7.27 -4.65 -10.55
C GLY B 146 -6.63 -3.32 -10.90
N TYR B 147 -6.13 -3.19 -12.13
CA TYR B 147 -5.61 -1.90 -12.56
C TYR B 147 -6.80 -0.99 -12.75
N ASP B 148 -6.93 -0.02 -11.84
CA ASP B 148 -8.09 0.85 -11.78
C ASP B 148 -7.70 2.33 -11.90
N GLU B 149 -7.82 2.85 -13.10
CA GLU B 149 -7.54 4.27 -13.35
C GLU B 149 -8.60 5.18 -12.72
N GLN B 150 -9.69 4.62 -12.23
CA GLN B 150 -10.71 5.41 -11.54
C GLN B 150 -10.60 5.18 -10.04
N PHE B 151 -9.40 4.81 -9.57
CA PHE B 151 -9.21 4.59 -8.15
C PHE B 151 -9.42 5.89 -7.43
N SER B 152 -10.17 5.84 -6.33
CA SER B 152 -10.46 7.04 -5.56
C SER B 152 -10.55 6.72 -4.08
N PHE B 153 -10.36 7.74 -3.24
CA PHE B 153 -10.53 7.58 -1.81
C PHE B 153 -11.96 7.12 -1.53
N SER B 154 -12.88 7.61 -2.36
CA SER B 154 -14.28 7.27 -2.23
C SER B 154 -14.49 5.78 -2.45
N ARG B 155 -13.86 5.25 -3.49
CA ARG B 155 -14.06 3.86 -3.86
C ARG B 155 -13.27 2.94 -2.95
N LEU B 156 -12.13 3.44 -2.47
CA LEU B 156 -11.34 2.72 -1.48
C LEU B 156 -12.15 2.51 -0.22
N THR B 157 -12.85 3.56 0.20
CA THR B 157 -13.68 3.53 1.38
C THR B 157 -14.75 2.46 1.23
N GLU B 158 -15.41 2.41 0.07
CA GLU B 158 -16.47 1.43 -0.18
C GLU B 158 -15.93 0.03 -0.07
N ALA B 159 -14.81 -0.22 -0.75
CA ALA B 159 -14.19 -1.53 -0.74
C ALA B 159 -14.02 -2.01 0.70
N CYS B 160 -13.59 -1.11 1.58
CA CYS B 160 -13.38 -1.45 2.98
C CYS B 160 -14.69 -1.76 3.71
N ALA B 161 -15.76 -1.08 3.31
CA ALA B 161 -17.06 -1.32 3.91
C ALA B 161 -17.49 -2.75 3.65
N HIS B 162 -17.33 -3.19 2.41
CA HIS B 162 -17.67 -4.54 2.04
C HIS B 162 -16.76 -5.52 2.78
N LEU B 163 -15.50 -5.15 2.96
CA LEU B 163 -14.53 -6.05 3.57
C LEU B 163 -14.67 -6.15 5.09
N ARG B 164 -15.53 -5.32 5.69
CA ARG B 164 -15.83 -5.44 7.12
C ARG B 164 -16.42 -6.82 7.38
N ASP B 165 -17.22 -7.27 6.42
CA ASP B 165 -17.76 -8.62 6.46
C ASP B 165 -16.61 -9.61 6.23
N PRO B 166 -16.24 -10.38 7.27
CA PRO B 166 -15.11 -11.30 7.15
C PRO B 166 -15.31 -12.40 6.10
N ASP B 167 -16.55 -12.67 5.71
CA ASP B 167 -16.83 -13.68 4.70
C ASP B 167 -16.70 -13.14 3.28
N CYS B 168 -16.34 -11.86 3.18
CA CYS B 168 -16.12 -11.23 1.87
C CYS B 168 -14.67 -11.40 1.47
N LEU B 169 -14.44 -11.96 0.29
CA LEU B 169 -13.07 -12.22 -0.17
C LEU B 169 -12.35 -10.96 -0.63
N LEU B 170 -11.03 -10.96 -0.49
CA LEU B 170 -10.20 -9.94 -1.10
C LEU B 170 -9.26 -10.60 -2.10
N VAL B 171 -9.47 -10.30 -3.38
CA VAL B 171 -8.63 -10.83 -4.43
C VAL B 171 -7.98 -9.68 -5.20
N ALA B 172 -6.76 -9.91 -5.66
CA ALA B 172 -6.06 -8.92 -6.47
C ALA B 172 -5.56 -9.59 -7.75
N THR B 173 -5.57 -8.85 -8.84
CA THR B 173 -5.16 -9.40 -10.11
C THR B 173 -3.67 -9.72 -10.10
N ASP B 174 -2.88 -8.87 -9.46
CA ASP B 174 -1.43 -9.03 -9.43
C ASP B 174 -0.84 -8.02 -8.44
N ARG B 175 0.45 -8.13 -8.16
CA ARG B 175 1.12 -7.20 -7.23
C ARG B 175 2.17 -6.35 -7.93
N ASP B 176 2.07 -6.20 -9.24
CA ASP B 176 3.02 -5.37 -9.95
C ASP B 176 2.92 -3.97 -9.39
N PRO B 177 4.07 -3.42 -8.94
CA PRO B 177 4.03 -2.12 -8.27
C PRO B 177 3.85 -0.94 -9.23
N TRP B 178 4.31 -1.11 -10.46
CA TRP B 178 4.26 -0.02 -11.44
C TRP B 178 4.63 -0.54 -12.83
N HIS B 179 4.37 0.26 -13.86
CA HIS B 179 4.72 -0.12 -15.23
C HIS B 179 5.27 1.07 -16.02
N PRO B 180 6.28 0.83 -16.87
CA PRO B 180 6.79 1.90 -17.72
C PRO B 180 5.92 2.13 -18.94
N LEU B 181 5.82 3.39 -19.37
CA LEU B 181 5.04 3.72 -20.56
C LEU B 181 5.97 4.14 -21.69
N SER B 182 5.40 4.29 -22.88
CA SER B 182 6.18 4.64 -24.07
C SER B 182 6.97 5.93 -23.87
N ASP B 183 6.30 6.95 -23.33
CA ASP B 183 6.94 8.26 -23.17
C ASP B 183 7.99 8.26 -22.06
N GLY B 184 8.08 7.16 -21.31
CA GLY B 184 9.08 7.05 -20.27
C GLY B 184 8.56 7.32 -18.88
N SER B 185 7.28 7.65 -18.76
CA SER B 185 6.66 7.86 -17.46
C SER B 185 6.20 6.53 -16.85
N ARG B 186 5.83 6.57 -15.58
CA ARG B 186 5.32 5.39 -14.91
C ARG B 186 3.87 5.56 -14.56
N THR B 187 3.18 4.43 -14.45
CA THR B 187 1.83 4.41 -13.94
C THR B 187 1.81 3.42 -12.80
N PRO B 188 1.15 3.77 -11.69
CA PRO B 188 1.04 2.83 -10.56
C PRO B 188 0.45 1.50 -11.02
N GLY B 189 0.85 0.42 -10.38
CA GLY B 189 0.35 -0.89 -10.73
C GLY B 189 -0.63 -1.39 -9.70
N THR B 190 -1.33 -2.48 -10.02
CA THR B 190 -2.31 -3.05 -9.12
C THR B 190 -1.72 -3.29 -7.75
N GLY B 191 -0.41 -3.55 -7.69
CA GLY B 191 0.25 -3.79 -6.42
C GLY B 191 0.06 -2.62 -5.49
N SER B 192 0.18 -1.41 -6.01
CA SER B 192 0.06 -0.23 -5.18
C SER B 192 -1.38 -0.06 -4.73
N LEU B 193 -2.32 -0.43 -5.59
CA LEU B 193 -3.72 -0.32 -5.24
C LEU B 193 -4.08 -1.39 -4.23
N ALA B 194 -3.56 -2.60 -4.43
CA ALA B 194 -3.78 -3.68 -3.49
C ALA B 194 -3.21 -3.32 -2.12
N ALA B 195 -2.04 -2.70 -2.11
CA ALA B 195 -1.41 -2.27 -0.86
C ALA B 195 -2.35 -1.36 -0.08
N ALA B 196 -3.03 -0.46 -0.78
CA ALA B 196 -3.91 0.49 -0.11
C ALA B 196 -5.12 -0.23 0.47
N VAL B 197 -5.72 -1.11 -0.33
CA VAL B 197 -6.90 -1.86 0.12
C VAL B 197 -6.56 -2.78 1.28
N GLU B 198 -5.48 -3.53 1.13
CA GLU B 198 -5.02 -4.41 2.20
C GLU B 198 -4.79 -3.64 3.49
N THR B 199 -4.05 -2.55 3.40
CA THR B 199 -3.70 -1.78 4.59
C THR B 199 -4.94 -1.24 5.30
N ALA B 200 -5.85 -0.66 4.53
CA ALA B 200 -7.04 0.01 5.08
C ALA B 200 -8.09 -1.00 5.56
N SER B 201 -8.05 -2.20 5.01
CA SER B 201 -9.01 -3.23 5.38
C SER B 201 -8.42 -4.17 6.43
N GLY B 202 -7.10 -4.10 6.61
CA GLY B 202 -6.41 -4.99 7.52
C GLY B 202 -6.48 -6.42 7.04
N ARG B 203 -6.30 -6.60 5.74
CA ARG B 203 -6.49 -7.91 5.12
C ARG B 203 -5.40 -8.25 4.13
N GLN B 204 -5.20 -9.56 3.94
CA GLN B 204 -4.31 -10.04 2.88
C GLN B 204 -5.13 -10.43 1.67
N ALA B 205 -4.61 -10.14 0.49
CA ALA B 205 -5.31 -10.42 -0.75
C ALA B 205 -4.84 -11.74 -1.31
N LEU B 206 -5.74 -12.51 -1.89
CA LEU B 206 -5.35 -13.65 -2.70
C LEU B 206 -4.90 -13.10 -4.04
N VAL B 207 -3.61 -13.23 -4.33
CA VAL B 207 -3.09 -12.74 -5.59
C VAL B 207 -3.16 -13.84 -6.63
N VAL B 208 -3.65 -13.48 -7.82
CA VAL B 208 -3.89 -14.44 -8.87
C VAL B 208 -2.77 -14.46 -9.91
N GLY B 209 -2.23 -13.30 -10.22
CA GLY B 209 -1.24 -13.18 -11.28
C GLY B 209 0.15 -13.61 -10.85
N LYS B 210 1.09 -13.57 -11.79
CA LYS B 210 2.48 -13.86 -11.52
C LYS B 210 3.01 -12.92 -10.45
N PRO B 211 3.92 -13.41 -9.59
CA PRO B 211 4.52 -14.74 -9.65
C PRO B 211 3.75 -15.81 -8.89
N SER B 212 2.49 -15.56 -8.57
CA SER B 212 1.68 -16.56 -7.89
C SER B 212 1.53 -17.76 -8.81
N PRO B 213 1.60 -18.98 -8.25
CA PRO B 213 1.48 -20.18 -9.09
C PRO B 213 0.10 -20.38 -9.71
N TYR B 214 -0.92 -19.69 -9.19
CA TYR B 214 -2.28 -19.91 -9.66
C TYR B 214 -2.39 -19.62 -11.16
N MET B 215 -1.56 -18.72 -11.66
CA MET B 215 -1.54 -18.44 -13.08
C MET B 215 -1.23 -19.73 -13.84
N PHE B 216 -0.32 -20.51 -13.29
CA PHE B 216 0.10 -21.75 -13.92
C PHE B 216 -0.97 -22.82 -13.78
N GLN B 217 -1.70 -22.77 -12.68
CA GLN B 217 -2.79 -23.70 -12.44
C GLN B 217 -3.86 -23.53 -13.52
N CYS B 218 -4.21 -22.28 -13.82
CA CYS B 218 -5.14 -22.00 -14.92
C CYS B 218 -4.68 -22.68 -16.20
N ILE B 219 -3.38 -22.61 -16.45
CA ILE B 219 -2.81 -23.11 -17.68
C ILE B 219 -2.82 -24.64 -17.74
N THR B 220 -2.51 -25.29 -16.62
CA THR B 220 -2.43 -26.75 -16.60
C THR B 220 -3.80 -27.41 -16.71
N GLU B 221 -4.85 -26.72 -16.28
CA GLU B 221 -6.19 -27.27 -16.39
C GLU B 221 -6.69 -27.22 -17.82
N ASP B 222 -6.06 -26.40 -18.64
CA ASP B 222 -6.48 -26.22 -20.03
C ASP B 222 -5.57 -26.98 -20.99
N PHE B 223 -4.34 -27.21 -20.56
CA PHE B 223 -3.36 -27.87 -21.43
C PHE B 223 -2.42 -28.74 -20.61
N SER B 224 -1.95 -29.81 -21.22
CA SER B 224 -0.88 -30.60 -20.63
C SER B 224 0.41 -29.82 -20.80
N VAL B 225 1.02 -29.43 -19.69
CA VAL B 225 2.25 -28.68 -19.74
C VAL B 225 3.28 -29.31 -18.79
N ASP B 226 4.41 -29.73 -19.34
CA ASP B 226 5.50 -30.24 -18.54
C ASP B 226 6.46 -29.09 -18.26
N PRO B 227 6.43 -28.57 -17.02
CA PRO B 227 7.29 -27.42 -16.70
C PRO B 227 8.75 -27.64 -17.04
N ALA B 228 9.22 -28.88 -16.97
CA ALA B 228 10.61 -29.19 -17.26
C ALA B 228 10.94 -28.92 -18.74
N ARG B 229 9.97 -29.14 -19.61
CA ARG B 229 10.15 -28.95 -21.05
C ARG B 229 9.58 -27.63 -21.54
N THR B 230 9.23 -26.72 -20.62
CA THR B 230 8.61 -25.46 -21.00
C THR B 230 9.54 -24.28 -20.74
N LEU B 231 9.55 -23.33 -21.67
CA LEU B 231 10.35 -22.13 -21.53
C LEU B 231 9.49 -20.95 -21.10
N MET B 232 9.88 -20.31 -20.00
CA MET B 232 9.21 -19.11 -19.54
C MET B 232 10.02 -17.91 -20.00
N VAL B 233 9.44 -17.13 -20.91
CA VAL B 233 10.11 -15.95 -21.43
C VAL B 233 9.39 -14.69 -20.96
N GLY B 234 10.11 -13.82 -20.26
CA GLY B 234 9.54 -12.60 -19.76
C GLY B 234 10.58 -11.50 -19.65
N ASP B 235 10.13 -10.30 -19.30
CA ASP B 235 11.05 -9.17 -19.23
C ASP B 235 11.19 -8.66 -17.80
N ARG B 236 10.47 -9.29 -16.87
CA ARG B 236 10.46 -8.81 -15.51
C ARG B 236 10.89 -9.90 -14.55
N LEU B 237 11.85 -9.57 -13.69
CA LEU B 237 12.55 -10.56 -12.91
C LEU B 237 11.70 -10.98 -11.73
N GLU B 238 11.02 -10.00 -11.14
CA GLU B 238 10.29 -10.18 -9.89
C GLU B 238 8.90 -10.75 -10.12
N THR B 239 8.52 -10.95 -11.38
CA THR B 239 7.24 -11.59 -11.69
C THR B 239 7.41 -12.72 -12.71
N ASP B 240 8.00 -12.43 -13.87
CA ASP B 240 8.12 -13.44 -14.91
C ASP B 240 9.14 -14.53 -14.56
N ILE B 241 10.33 -14.12 -14.15
CA ILE B 241 11.40 -15.06 -13.90
C ILE B 241 11.13 -15.82 -12.60
N LEU B 242 10.68 -15.11 -11.58
CA LEU B 242 10.31 -15.75 -10.32
C LEU B 242 9.17 -16.73 -10.55
N PHE B 243 8.19 -16.33 -11.34
CA PHE B 243 7.09 -17.21 -11.73
C PHE B 243 7.67 -18.46 -12.35
N GLY B 244 8.56 -18.29 -13.31
CA GLY B 244 9.19 -19.40 -13.98
C GLY B 244 9.81 -20.39 -13.01
N HIS B 245 10.58 -19.91 -12.04
CA HIS B 245 11.23 -20.82 -11.09
C HIS B 245 10.22 -21.55 -10.22
N ARG B 246 9.29 -20.82 -9.64
CA ARG B 246 8.27 -21.41 -8.78
C ARG B 246 7.50 -22.53 -9.47
N CYS B 247 7.40 -22.45 -10.79
CA CYS B 247 6.65 -23.44 -11.56
C CYS B 247 7.55 -24.57 -12.05
N GLY B 248 8.86 -24.37 -11.94
CA GLY B 248 9.82 -25.39 -12.31
C GLY B 248 10.21 -25.37 -13.78
N MET B 249 9.99 -24.25 -14.45
CA MET B 249 10.36 -24.13 -15.86
C MET B 249 11.73 -23.51 -16.02
N THR B 250 12.13 -23.39 -17.27
CA THR B 250 13.39 -22.78 -17.60
C THR B 250 13.11 -21.34 -18.00
N THR B 251 13.97 -20.44 -17.53
CA THR B 251 13.69 -19.03 -17.58
C THR B 251 14.57 -18.32 -18.59
N VAL B 252 13.97 -17.42 -19.35
CA VAL B 252 14.71 -16.64 -20.33
C VAL B 252 14.30 -15.19 -20.18
N LEU B 253 15.23 -14.36 -19.71
CA LEU B 253 14.99 -12.94 -19.64
C LEU B 253 15.31 -12.30 -20.98
N THR B 254 14.38 -11.50 -21.50
CA THR B 254 14.66 -10.69 -22.66
C THR B 254 14.83 -9.25 -22.19
N LEU B 255 15.64 -8.48 -22.91
CA LEU B 255 16.03 -7.15 -22.44
C LEU B 255 15.24 -6.01 -23.07
N THR B 256 14.16 -6.34 -23.77
CA THR B 256 13.37 -5.31 -24.44
C THR B 256 12.35 -4.65 -23.52
N GLY B 257 12.42 -4.95 -22.23
CA GLY B 257 11.42 -4.48 -21.30
C GLY B 257 11.94 -3.88 -20.02
N VAL B 258 11.24 -4.15 -18.94
CA VAL B 258 11.52 -3.54 -17.65
C VAL B 258 12.91 -3.84 -17.11
N SER B 259 13.26 -5.12 -17.00
CA SER B 259 14.51 -5.48 -16.33
C SER B 259 15.75 -5.35 -17.21
N SER B 260 16.88 -5.18 -16.55
CA SER B 260 18.16 -5.02 -17.22
C SER B 260 19.08 -6.14 -16.84
N LEU B 261 20.10 -6.36 -17.67
CA LEU B 261 21.04 -7.43 -17.43
C LEU B 261 21.70 -7.23 -16.07
N GLU B 262 22.04 -6.00 -15.74
CA GLU B 262 22.72 -5.73 -14.47
C GLU B 262 21.85 -5.99 -13.24
N GLU B 263 20.55 -5.75 -13.36
CA GLU B 263 19.61 -6.04 -12.27
C GLU B 263 19.60 -7.53 -11.98
N ALA B 264 19.61 -8.33 -13.03
CA ALA B 264 19.62 -9.77 -12.90
C ALA B 264 20.93 -10.22 -12.24
N GLN B 265 22.03 -9.66 -12.72
CA GLN B 265 23.35 -10.00 -12.22
C GLN B 265 23.52 -9.55 -10.77
N ALA B 266 22.80 -8.51 -10.39
CA ALA B 266 22.81 -8.05 -9.01
C ALA B 266 22.16 -9.08 -8.10
N TYR B 267 21.01 -9.60 -8.53
CA TYR B 267 20.31 -10.67 -7.80
C TYR B 267 21.18 -11.91 -7.70
N LEU B 268 21.99 -12.13 -8.74
CA LEU B 268 22.86 -13.29 -8.79
C LEU B 268 23.90 -13.22 -7.68
N THR B 269 24.59 -12.09 -7.59
CA THR B 269 25.58 -11.89 -6.55
C THR B 269 24.93 -11.95 -5.17
N ALA B 270 23.72 -11.42 -5.05
CA ALA B 270 23.01 -11.41 -3.77
C ALA B 270 22.57 -12.82 -3.36
N GLY B 271 22.65 -13.77 -4.28
CA GLY B 271 22.34 -15.15 -3.97
C GLY B 271 20.85 -15.47 -3.96
N GLN B 272 20.07 -14.61 -4.60
CA GLN B 272 18.64 -14.86 -4.74
C GLN B 272 18.35 -15.59 -6.04
N ARG B 273 18.44 -16.92 -5.99
CA ARG B 273 18.40 -17.75 -7.19
C ARG B 273 17.05 -17.66 -7.89
N ASP B 274 15.99 -17.49 -7.11
CA ASP B 274 14.64 -17.48 -7.65
C ASP B 274 14.38 -16.25 -8.52
N LEU B 275 15.29 -15.29 -8.49
CA LEU B 275 15.16 -14.08 -9.29
C LEU B 275 16.20 -13.99 -10.40
N VAL B 276 16.95 -15.07 -10.61
CA VAL B 276 17.99 -15.06 -11.64
C VAL B 276 17.58 -15.94 -12.82
N PRO B 277 17.61 -15.37 -14.03
CA PRO B 277 17.21 -16.12 -15.23
C PRO B 277 18.25 -17.15 -15.64
N HIS B 278 17.82 -18.32 -16.10
CA HIS B 278 18.74 -19.32 -16.60
C HIS B 278 19.51 -18.72 -17.78
N TYR B 279 18.77 -18.13 -18.70
CA TYR B 279 19.37 -17.54 -19.89
C TYR B 279 18.80 -16.16 -20.14
N TYR B 280 19.41 -15.44 -21.08
CA TYR B 280 18.88 -14.13 -21.45
C TYR B 280 19.20 -13.82 -22.88
N VAL B 281 18.37 -12.99 -23.51
CA VAL B 281 18.60 -12.54 -24.87
C VAL B 281 18.32 -11.05 -24.95
N GLU B 282 18.87 -10.39 -25.96
CA GLU B 282 18.59 -8.97 -26.15
C GLU B 282 17.16 -8.81 -26.61
N SER B 283 16.74 -9.68 -27.53
CA SER B 283 15.36 -9.73 -27.98
C SER B 283 14.95 -11.18 -28.09
N ILE B 284 13.65 -11.42 -28.13
CA ILE B 284 13.15 -12.77 -28.38
C ILE B 284 13.45 -13.13 -29.82
N ALA B 285 13.70 -12.12 -30.66
CA ALA B 285 14.09 -12.35 -32.04
C ALA B 285 15.33 -13.24 -32.14
N ASP B 286 16.25 -13.06 -31.21
CA ASP B 286 17.48 -13.84 -31.19
C ASP B 286 17.21 -15.34 -31.09
N LEU B 287 16.01 -15.71 -30.65
CA LEU B 287 15.66 -17.12 -30.51
C LEU B 287 15.46 -17.82 -31.85
N MET B 288 15.42 -17.06 -32.94
CA MET B 288 15.18 -17.64 -34.26
C MET B 288 16.45 -18.27 -34.85
N GLU B 289 17.60 -17.85 -34.33
CA GLU B 289 18.88 -18.40 -34.74
C GLU B 289 18.93 -19.90 -34.50
N GLY B 290 18.12 -20.37 -33.56
CA GLY B 290 18.06 -21.79 -33.25
C GLY B 290 16.88 -22.48 -33.88
N LEU B 291 16.43 -21.97 -35.02
CA LEU B 291 15.30 -22.55 -35.74
C LEU B 291 15.51 -22.50 -37.25
N GLU B 292 14.48 -22.85 -38.01
CA GLU B 292 14.54 -22.82 -39.47
C GLU B 292 13.19 -22.44 -40.08
MG MG C . -6.48 8.04 19.07
OAE 5B0 D . -5.55 11.74 17.72
PAP 5B0 D . -5.51 10.46 16.84
OAF 5B0 D . -4.03 10.05 16.58
OAC 5B0 D . -6.23 9.35 17.54
CAJ 5B0 D . -6.31 10.85 15.26
CAI 5B0 D . -6.16 9.93 14.09
CAN 5B0 D . -6.75 10.45 12.83
CAH 5B0 D . -5.92 10.80 11.77
NAK 5B0 D . -6.45 11.28 10.63
CAL 5B0 D . -7.77 11.42 10.51
CAA 5B0 D . -8.34 11.95 9.24
CAM 5B0 D . -8.64 11.09 11.52
OAD 5B0 D . -10.00 11.27 11.33
CAO 5B0 D . -8.13 10.60 12.72
C1 5B0 D . -9.03 10.23 13.86
O2 5B0 D . -10.35 9.94 13.58
HAE 5B0 D . -4.80 11.81 18.17
HAF 5B0 D . -3.49 10.65 16.93
HAJ1 5B0 D . -5.97 11.71 14.97
HAJ2 5B0 D . -7.25 10.95 15.42
HAI1 5B0 D . -6.57 9.08 14.31
HAI2 5B0 D . -5.21 9.78 13.95
HAH 5B0 D . -4.96 10.70 11.85
HAA1 5B0 D . -7.61 12.26 8.66
HAA2 5B0 D . -8.83 11.26 8.78
HAA3 5B0 D . -8.93 12.70 9.43
HAD 5B0 D . -10.17 12.12 11.23
H11C 5B0 D . -8.65 9.46 14.30
H12C 5B0 D . -9.03 10.98 14.48
H2 5B0 D . -10.87 10.27 14.21
MG MG E . 6.29 -7.85 -19.17
OAE 5B0 F . 2.28 -8.91 -19.84
PAP 5B0 F . 2.87 -8.17 -18.58
OAF 5B0 F . 2.95 -9.18 -17.41
OAC 5B0 F . 4.22 -7.63 -18.90
CAJ 5B0 F . 1.69 -6.86 -18.18
CAI 5B0 F . 2.02 -5.90 -17.11
CAN 5B0 F . 0.94 -4.88 -16.93
CAH 5B0 F . -0.06 -5.13 -16.01
NAK 5B0 F . -1.02 -4.23 -15.85
CAL 5B0 F . -1.04 -3.10 -16.56
CAA 5B0 F . -2.16 -2.15 -16.32
CAM 5B0 F . -0.07 -2.81 -17.50
OAD 5B0 F . -0.12 -1.62 -18.23
CAO 5B0 F . 0.96 -3.73 -17.70
C1 5B0 F . 2.06 -3.50 -18.69
O2 5B0 F . 1.97 -2.37 -19.48
HAE 5B0 F . 2.40 -9.78 -19.75
HAF 5B0 F . 2.58 -9.94 -17.65
HAJ1 5B0 F . 1.54 -6.35 -18.99
HAJ2 5B0 F . 0.85 -7.29 -17.93
HAI1 5B0 F . 2.84 -5.44 -17.35
HAI2 5B0 F . 2.15 -6.37 -16.28
HAH 5B0 F . -0.05 -5.94 -15.48
HAA1 5B0 F . -1.82 -1.36 -15.86
HAA2 5B0 F . -2.53 -1.87 -17.19
HAA3 5B0 F . -2.85 -2.57 -15.79
HAD 5B0 F . -0.02 -0.94 -17.68
H11C 5B0 F . 2.07 -4.28 -19.28
H12C 5B0 F . 2.90 -3.47 -18.21
H2 5B0 F . 2.78 -2.04 -19.61
C1 GOL G . 0.73 -4.02 -22.99
O1 GOL G . 0.50 -4.96 -21.95
C2 GOL G . 0.39 -2.61 -22.56
O2 GOL G . -0.58 -2.09 -23.42
C3 GOL G . 1.62 -1.72 -22.58
O3 GOL G . 1.24 -0.36 -22.56
H11 GOL G . 1.78 -4.07 -23.29
H12 GOL G . 0.13 -4.30 -23.86
HO1 GOL G . 0.90 -4.63 -21.13
H2 GOL G . 0.00 -2.65 -21.53
HO2 GOL G . -0.24 -2.07 -24.34
H31 GOL G . 2.20 -1.92 -23.49
H32 GOL G . 2.26 -1.94 -21.72
HO3 GOL G . 2.03 0.20 -22.51
#